data_7SMG
#
_entry.id   7SMG
#
_cell.length_a   144.136
_cell.length_b   144.136
_cell.length_c   63.485
_cell.angle_alpha   90.000
_cell.angle_beta   90.000
_cell.angle_gamma   120.000
#
_symmetry.space_group_name_H-M   'P 61'
#
loop_
_entity.id
_entity.type
_entity.pdbx_description
1 polymer '(p)ppApp hydrolase'
2 non-polymer 1,2-ETHANEDIOL
3 non-polymer 'MAGNESIUM ION'
4 non-polymer 'CHLORIDE ION'
5 water water
#
_entity_poly.entity_id   1
_entity_poly.type   'polypeptide(L)'
_entity_poly.pdbx_seq_one_letter_code
;(MSE)TNTSTLLEKALQIAVKAHSGQIDKAGSAYIFHPIRVSNRCSTDDERIVALLHDTIEDTEVTAEYLL(MSE)EGFP
RNIVDAILSVTRNEDESYDDFIKRSRLNPIGRQVKLHDLEDN(MSE)DITRLNELTEKDIYRLNKYIKAYKYLKEHHHHH
H
;
_entity_poly.pdbx_strand_id   A,B,C,D
#
loop_
_chem_comp.id
_chem_comp.type
_chem_comp.name
_chem_comp.formula
CL non-polymer 'CHLORIDE ION' 'Cl -1'
EDO non-polymer 1,2-ETHANEDIOL 'C2 H6 O2'
MG non-polymer 'MAGNESIUM ION' 'Mg 2'
#
# COMPACT_ATOMS: atom_id res chain seq x y z
N ASN A 3 -22.36 9.50 -10.37
N ASN A 3 -30.05 -3.98 -10.01
CA ASN A 3 -22.80 8.40 -11.21
CA ASN A 3 -29.74 -3.67 -8.62
C ASN A 3 -21.68 7.40 -11.46
C ASN A 3 -28.33 -3.10 -8.48
N THR A 4 -20.43 7.86 -11.31
N THR A 4 -27.99 -2.15 -9.36
CA THR A 4 -19.29 6.96 -11.47
CA THR A 4 -26.67 -1.52 -9.38
C THR A 4 -19.32 5.84 -10.44
C THR A 4 -26.81 -0.05 -9.03
N SER A 5 -19.92 6.10 -9.28
N SER A 5 -25.93 0.43 -8.14
CA SER A 5 -19.99 5.08 -8.23
CA SER A 5 -25.98 1.82 -7.69
C SER A 5 -20.89 3.93 -8.66
C SER A 5 -25.14 2.74 -8.58
N THR A 6 -22.10 4.23 -9.11
N THR A 6 -23.88 2.39 -8.83
CA THR A 6 -23.01 3.20 -9.60
CA THR A 6 -22.96 3.23 -9.58
C THR A 6 -22.41 2.44 -10.77
C THR A 6 -22.34 2.43 -10.72
N LEU A 7 -21.74 3.16 -11.67
CA LEU A 7 -21.10 2.51 -12.81
C LEU A 7 -19.86 1.73 -12.40
N LEU A 8 -19.20 2.14 -11.31
CA LEU A 8 -18.09 1.36 -10.78
C LEU A 8 -18.56 0.02 -10.25
N GLU A 9 -19.71 -0.01 -9.58
CA GLU A 9 -20.29 -1.29 -9.15
C GLU A 9 -20.65 -2.17 -10.34
N LYS A 10 -21.22 -1.57 -11.40
N LYS A 10 -21.20 -1.57 -11.40
CA LYS A 10 -21.56 -2.35 -12.58
CA LYS A 10 -21.56 -2.35 -12.58
C LYS A 10 -20.32 -2.99 -13.20
C LYS A 10 -20.32 -2.98 -13.23
N ALA A 11 -19.24 -2.22 -13.33
CA ALA A 11 -18.01 -2.76 -13.91
C ALA A 11 -17.47 -3.92 -13.09
N LEU A 12 -17.64 -3.86 -11.76
CA LEU A 12 -17.24 -4.98 -10.92
C LEU A 12 -18.08 -6.21 -11.22
N GLN A 13 -19.41 -6.07 -11.17
CA GLN A 13 -20.29 -7.21 -11.44
C GLN A 13 -20.05 -7.79 -12.82
N ILE A 14 -19.75 -6.93 -13.80
CA ILE A 14 -19.44 -7.43 -15.14
C ILE A 14 -18.16 -8.26 -15.12
N ALA A 15 -17.13 -7.79 -14.41
CA ALA A 15 -15.87 -8.52 -14.37
C ALA A 15 -16.01 -9.84 -13.61
N VAL A 16 -16.68 -9.81 -12.45
CA VAL A 16 -16.85 -11.02 -11.66
C VAL A 16 -17.57 -12.09 -12.46
N LYS A 17 -18.59 -11.69 -13.23
CA LYS A 17 -19.33 -12.64 -14.05
C LYS A 17 -18.48 -13.12 -15.22
N ALA A 18 -17.74 -12.21 -15.86
CA ALA A 18 -17.04 -12.54 -17.10
C ALA A 18 -15.86 -13.47 -16.83
N HIS A 19 -15.09 -13.18 -15.78
CA HIS A 19 -13.91 -13.97 -15.43
C HIS A 19 -14.25 -15.19 -14.57
N SER A 20 -15.52 -15.38 -14.21
CA SER A 20 -15.92 -16.53 -13.41
C SER A 20 -15.44 -17.82 -14.03
N GLY A 21 -14.72 -18.62 -13.24
CA GLY A 21 -14.19 -19.89 -13.71
C GLY A 21 -12.80 -19.83 -14.29
N GLN A 22 -12.21 -18.64 -14.44
CA GLN A 22 -10.86 -18.50 -14.95
C GLN A 22 -9.87 -18.44 -13.80
N ILE A 23 -8.64 -18.89 -14.06
CA ILE A 23 -7.56 -18.87 -13.09
C ILE A 23 -6.34 -18.21 -13.72
N ASP A 24 -5.53 -17.55 -12.89
CA ASP A 24 -4.27 -16.98 -13.35
C ASP A 24 -3.17 -18.04 -13.26
N LYS A 25 -1.97 -17.70 -13.74
CA LYS A 25 -0.91 -18.69 -13.76
C LYS A 25 -0.39 -19.02 -12.37
N ALA A 26 -0.78 -18.26 -11.34
CA ALA A 26 -0.41 -18.56 -9.97
C ALA A 26 -1.34 -19.57 -9.31
N GLY A 27 -2.51 -19.82 -9.90
CA GLY A 27 -3.48 -20.76 -9.36
C GLY A 27 -4.69 -20.11 -8.72
N SER A 28 -4.75 -18.79 -8.65
CA SER A 28 -5.84 -18.09 -7.99
C SER A 28 -6.86 -17.60 -9.03
N ALA A 29 -8.09 -17.38 -8.55
CA ALA A 29 -9.16 -16.90 -9.41
C ALA A 29 -8.74 -15.62 -10.13
N TYR A 30 -8.92 -15.59 -11.45
CA TYR A 30 -8.39 -14.47 -12.23
C TYR A 30 -9.02 -13.14 -11.85
N ILE A 31 -10.27 -13.14 -11.38
CA ILE A 31 -10.98 -11.91 -11.06
C ILE A 31 -10.21 -11.04 -10.08
N PHE A 32 -9.37 -11.63 -9.24
CA PHE A 32 -8.62 -10.84 -8.29
C PHE A 32 -7.47 -10.08 -8.92
N HIS A 33 -7.08 -10.41 -10.16
CA HIS A 33 -6.08 -9.61 -10.83
C HIS A 33 -6.61 -8.21 -11.17
N PRO A 34 -7.75 -8.05 -11.87
CA PRO A 34 -8.27 -6.70 -12.07
C PRO A 34 -8.62 -5.99 -10.78
N ILE A 35 -8.97 -6.73 -9.73
CA ILE A 35 -9.24 -6.09 -8.44
C ILE A 35 -7.95 -5.52 -7.85
N ARG A 36 -6.88 -6.31 -7.85
CA ARG A 36 -5.60 -5.84 -7.33
C ARG A 36 -5.05 -4.67 -8.14
N VAL A 37 -5.31 -4.65 -9.45
CA VAL A 37 -4.93 -3.50 -10.27
C VAL A 37 -5.80 -2.30 -9.91
N SER A 38 -7.09 -2.54 -9.67
CA SER A 38 -8.00 -1.46 -9.32
C SER A 38 -7.66 -0.84 -7.97
N ASN A 39 -7.11 -1.63 -7.05
N ASN A 39 -7.10 -1.63 -7.05
CA ASN A 39 -6.72 -1.10 -5.75
CA ASN A 39 -6.73 -1.07 -5.74
C ASN A 39 -5.50 -0.19 -5.83
C ASN A 39 -5.51 -0.17 -5.85
N ARG A 40 -4.67 -0.35 -6.87
CA ARG A 40 -3.54 0.54 -7.07
C ARG A 40 -3.94 1.86 -7.73
N CYS A 41 -5.16 1.98 -8.24
CA CYS A 41 -5.58 3.16 -8.98
C CYS A 41 -5.99 4.28 -8.03
N SER A 42 -6.11 5.48 -8.59
CA SER A 42 -6.36 6.69 -7.81
C SER A 42 -7.69 7.36 -8.10
N THR A 43 -8.27 7.16 -9.28
CA THR A 43 -9.51 7.82 -9.67
C THR A 43 -10.55 6.77 -10.01
N ASP A 44 -11.83 7.16 -9.95
CA ASP A 44 -12.90 6.23 -10.27
C ASP A 44 -12.80 5.78 -11.72
N ASP A 45 -12.43 6.69 -12.63
CA ASP A 45 -12.29 6.31 -14.03
C ASP A 45 -11.20 5.27 -14.22
N GLU A 46 -10.07 5.42 -13.52
CA GLU A 46 -9.03 4.40 -13.57
C GLU A 46 -9.50 3.09 -12.97
N ARG A 47 -10.29 3.15 -11.89
N ARG A 47 -10.28 3.15 -11.87
CA ARG A 47 -10.76 1.93 -11.24
CA ARG A 47 -10.76 1.93 -11.24
C ARG A 47 -11.75 1.18 -12.12
C ARG A 47 -11.74 1.17 -12.13
N ILE A 48 -12.58 1.90 -12.87
CA ILE A 48 -13.51 1.24 -13.78
C ILE A 48 -12.75 0.51 -14.88
N VAL A 49 -11.81 1.20 -15.54
CA VAL A 49 -11.02 0.58 -16.59
C VAL A 49 -10.19 -0.57 -16.04
N ALA A 50 -9.62 -0.41 -14.84
CA ALA A 50 -8.82 -1.49 -14.26
C ALA A 50 -9.64 -2.75 -14.06
N LEU A 51 -10.87 -2.62 -13.55
CA LEU A 51 -11.70 -3.79 -13.33
C LEU A 51 -12.07 -4.50 -14.64
N LEU A 52 -12.09 -3.78 -15.76
CA LEU A 52 -12.52 -4.35 -17.02
C LEU A 52 -11.39 -4.55 -18.01
N HIS A 53 -10.14 -4.23 -17.64
CA HIS A 53 -9.05 -4.13 -18.60
C HIS A 53 -8.71 -5.46 -19.29
N ASP A 54 -9.11 -6.59 -18.73
CA ASP A 54 -8.89 -7.88 -19.39
C ASP A 54 -10.18 -8.59 -19.77
N THR A 55 -11.31 -7.87 -19.84
CA THR A 55 -12.57 -8.54 -20.16
C THR A 55 -12.75 -8.74 -21.65
N ILE A 56 -12.29 -7.79 -22.47
CA ILE A 56 -12.46 -7.93 -23.92
C ILE A 56 -11.54 -9.00 -24.47
N GLU A 57 -10.33 -9.09 -23.93
CA GLU A 57 -9.33 -10.02 -24.45
C GLU A 57 -9.63 -11.47 -24.05
N ASP A 58 -10.08 -11.68 -22.82
CA ASP A 58 -10.21 -13.01 -22.24
C ASP A 58 -11.63 -13.55 -22.15
N THR A 59 -12.65 -12.68 -22.12
CA THR A 59 -14.03 -13.11 -21.90
C THR A 59 -14.92 -12.70 -23.08
N GLU A 60 -16.20 -13.08 -22.98
CA GLU A 60 -17.21 -12.77 -23.98
C GLU A 60 -17.60 -11.30 -23.98
N VAL A 61 -17.10 -10.50 -23.06
CA VAL A 61 -17.37 -9.06 -23.07
C VAL A 61 -16.71 -8.45 -24.31
N THR A 62 -17.45 -7.58 -24.98
CA THR A 62 -16.96 -6.83 -26.13
C THR A 62 -17.01 -5.34 -25.84
N ALA A 63 -16.26 -4.57 -26.62
CA ALA A 63 -16.38 -3.12 -26.54
C ALA A 63 -17.80 -2.67 -26.85
N GLU A 64 -18.45 -3.32 -27.82
CA GLU A 64 -19.83 -3.01 -28.15
C GLU A 64 -20.75 -3.26 -26.97
N TYR A 65 -20.59 -4.39 -26.28
CA TYR A 65 -21.43 -4.68 -25.12
C TYR A 65 -21.29 -3.59 -24.06
N LEU A 66 -20.05 -3.16 -23.78
CA LEU A 66 -19.84 -2.11 -22.79
C LEU A 66 -20.53 -0.81 -23.16
N LEU A 67 -20.45 -0.44 -24.45
CA LEU A 67 -21.15 0.77 -24.89
C LEU A 67 -22.64 0.65 -24.68
N MSE A 68 -23.21 -0.51 -25.02
CA MSE A 68 -24.65 -0.72 -24.92
C MSE A 68 -25.11 -0.79 -23.47
O MSE A 68 -26.30 -0.66 -23.17
CB MSE A 68 -25.06 -1.99 -25.66
CG MSE A 68 -24.71 -1.98 -27.15
SE MSE A 68 -25.91 -0.93 -28.25
CE MSE A 68 -27.24 -2.29 -28.65
N GLU A 69 -24.16 -1.01 -22.55
CA GLU A 69 -24.47 -1.02 -21.13
C GLU A 69 -24.35 0.35 -20.48
N GLY A 70 -24.06 1.39 -21.26
CA GLY A 70 -24.01 2.75 -20.75
C GLY A 70 -22.65 3.27 -20.38
N PHE A 71 -21.58 2.52 -20.65
CA PHE A 71 -20.24 2.99 -20.33
C PHE A 71 -19.83 4.10 -21.29
N PRO A 72 -19.19 5.15 -20.79
CA PRO A 72 -18.88 6.32 -21.62
C PRO A 72 -17.79 6.00 -22.64
N ARG A 73 -17.74 6.86 -23.66
CA ARG A 73 -16.79 6.70 -24.75
C ARG A 73 -15.34 6.71 -24.24
N ASN A 74 -15.01 7.65 -23.37
CA ASN A 74 -13.63 7.74 -22.89
C ASN A 74 -13.24 6.52 -22.06
N ILE A 75 -14.20 5.91 -21.37
CA ILE A 75 -13.90 4.73 -20.56
C ILE A 75 -13.65 3.53 -21.47
N VAL A 76 -14.51 3.32 -22.47
CA VAL A 76 -14.34 2.17 -23.35
C VAL A 76 -13.07 2.32 -24.18
N ASP A 77 -12.81 3.52 -24.70
CA ASP A 77 -11.56 3.77 -25.41
C ASP A 77 -10.35 3.53 -24.51
N ALA A 78 -10.46 3.88 -23.22
CA ALA A 78 -9.39 3.58 -22.28
C ALA A 78 -9.20 2.08 -22.11
N ILE A 79 -10.29 1.30 -22.08
CA ILE A 79 -10.15 -0.15 -22.02
C ILE A 79 -9.51 -0.66 -23.31
N LEU A 80 -9.90 -0.09 -24.45
CA LEU A 80 -9.32 -0.54 -25.71
C LEU A 80 -7.84 -0.17 -25.81
N SER A 81 -7.42 0.90 -25.13
CA SER A 81 -6.01 1.27 -25.12
C SER A 81 -5.15 0.30 -24.34
N VAL A 82 -5.76 -0.50 -23.46
CA VAL A 82 -5.02 -1.53 -22.73
C VAL A 82 -5.44 -2.93 -23.19
N THR A 83 -6.05 -3.03 -24.37
CA THR A 83 -6.42 -4.30 -24.99
C THR A 83 -5.57 -4.46 -26.23
N ARG A 84 -4.69 -5.45 -26.23
CA ARG A 84 -3.78 -5.65 -27.35
C ARG A 84 -4.53 -6.17 -28.57
N ASN A 85 -4.16 -5.66 -29.74
CA ASN A 85 -4.64 -6.19 -31.00
C ASN A 85 -3.61 -7.15 -31.59
N GLU A 86 -4.09 -8.17 -32.29
CA GLU A 86 -3.18 -9.17 -32.82
C GLU A 86 -2.31 -8.61 -33.94
N ASP A 87 -2.83 -7.64 -34.69
CA ASP A 87 -2.12 -7.02 -35.81
C ASP A 87 -1.01 -6.07 -35.36
N GLU A 88 -0.73 -5.97 -34.06
CA GLU A 88 0.34 -5.10 -33.58
C GLU A 88 1.29 -5.87 -32.67
N SER A 89 2.54 -5.43 -32.67
CA SER A 89 3.53 -5.98 -31.76
C SER A 89 3.25 -5.50 -30.33
N TYR A 90 3.91 -6.14 -29.37
CA TYR A 90 3.77 -5.72 -27.97
C TYR A 90 4.31 -4.31 -27.76
N ASP A 91 5.42 -3.96 -28.42
CA ASP A 91 5.94 -2.61 -28.31
C ASP A 91 4.94 -1.59 -28.84
N ASP A 92 4.38 -1.84 -30.02
CA ASP A 92 3.37 -0.93 -30.57
C ASP A 92 2.14 -0.87 -29.68
N PHE A 93 1.86 -1.94 -28.94
CA PHE A 93 0.73 -1.94 -28.01
C PHE A 93 1.01 -1.04 -26.80
N ILE A 94 2.21 -1.12 -26.23
CA ILE A 94 2.55 -0.27 -25.10
C ILE A 94 2.61 1.19 -25.53
N LYS A 95 3.15 1.45 -26.73
CA LYS A 95 3.15 2.82 -27.26
C LYS A 95 1.73 3.35 -27.39
N ARG A 96 0.78 2.49 -27.76
CA ARG A 96 -0.61 2.91 -27.88
C ARG A 96 -1.25 3.11 -26.51
N SER A 97 -0.83 2.33 -25.51
CA SER A 97 -1.31 2.51 -24.15
C SER A 97 -0.89 3.85 -23.58
N ARG A 98 0.36 4.26 -23.81
CA ARG A 98 0.86 5.49 -23.23
C ARG A 98 0.09 6.71 -23.74
N LEU A 99 -0.44 6.64 -24.96
CA LEU A 99 -1.16 7.76 -25.53
C LEU A 99 -2.50 8.01 -24.86
N ASN A 100 -2.96 7.11 -23.97
CA ASN A 100 -4.26 7.27 -23.31
C ASN A 100 -4.06 7.59 -21.84
N PRO A 101 -4.59 8.73 -21.37
CA PRO A 101 -4.31 9.12 -19.97
C PRO A 101 -4.77 8.09 -18.95
N ILE A 102 -5.97 7.53 -19.11
CA ILE A 102 -6.44 6.53 -18.16
C ILE A 102 -5.74 5.20 -18.40
N GLY A 103 -5.59 4.80 -19.66
CA GLY A 103 -4.96 3.52 -19.97
C GLY A 103 -3.52 3.43 -19.53
N ARG A 104 -2.77 4.53 -19.67
CA ARG A 104 -1.37 4.54 -19.22
C ARG A 104 -1.26 4.17 -17.75
N GLN A 105 -2.07 4.80 -16.90
CA GLN A 105 -2.00 4.53 -15.46
C GLN A 105 -2.45 3.11 -15.15
N VAL A 106 -3.54 2.66 -15.76
CA VAL A 106 -4.00 1.30 -15.51
C VAL A 106 -2.97 0.28 -15.97
N LYS A 107 -2.40 0.46 -17.17
CA LYS A 107 -1.40 -0.49 -17.66
C LYS A 107 -0.18 -0.55 -16.75
N LEU A 108 0.22 0.59 -16.18
CA LEU A 108 1.32 0.58 -15.21
C LEU A 108 0.99 -0.31 -14.02
N HIS A 109 -0.21 -0.14 -13.44
CA HIS A 109 -0.63 -0.99 -12.35
C HIS A 109 -0.82 -2.43 -12.81
N ASP A 110 -1.23 -2.65 -14.05
CA ASP A 110 -1.30 -4.00 -14.58
C ASP A 110 0.08 -4.64 -14.65
N LEU A 111 1.09 -3.88 -15.09
CA LEU A 111 2.45 -4.41 -15.09
C LEU A 111 2.93 -4.71 -13.68
N GLU A 112 2.67 -3.81 -12.74
CA GLU A 112 3.07 -4.03 -11.36
C GLU A 112 2.49 -5.33 -10.81
N ASP A 113 1.19 -5.56 -11.05
CA ASP A 113 0.59 -6.79 -10.55
C ASP A 113 1.21 -8.02 -11.21
N ASN A 114 1.44 -7.97 -12.53
CA ASN A 114 2.04 -9.10 -13.23
C ASN A 114 3.50 -9.31 -12.84
N MSE A 115 4.17 -8.29 -12.31
CA MSE A 115 5.56 -8.42 -11.89
C MSE A 115 5.67 -8.83 -10.43
O MSE A 115 6.78 -8.93 -9.89
CB MSE A 115 6.31 -7.11 -12.14
CG MSE A 115 6.60 -6.80 -13.60
SE MSE A 115 7.48 -5.08 -13.89
CE MSE A 115 6.13 -3.92 -13.08
N ASP A 116 4.54 -9.05 -9.78
CA ASP A 116 4.53 -9.39 -8.37
C ASP A 116 4.81 -10.88 -8.22
N ILE A 117 6.10 -11.24 -8.17
CA ILE A 117 6.47 -12.64 -8.08
C ILE A 117 6.24 -13.24 -6.71
N THR A 118 5.90 -12.41 -5.70
CA THR A 118 5.60 -12.95 -4.37
C THR A 118 4.38 -13.87 -4.37
N ARG A 119 3.54 -13.79 -5.40
CA ARG A 119 2.35 -14.64 -5.50
C ARG A 119 2.61 -15.96 -6.19
N LEU A 120 3.76 -16.12 -6.83
CA LEU A 120 4.04 -17.27 -7.67
C LEU A 120 4.69 -18.40 -6.88
N ASN A 121 4.52 -19.63 -7.39
CA ASN A 121 5.08 -20.79 -6.70
C ASN A 121 6.53 -21.04 -7.08
N GLU A 122 6.87 -20.86 -8.36
CA GLU A 122 8.22 -21.06 -8.85
C GLU A 122 8.46 -20.03 -9.95
N LEU A 123 9.60 -20.16 -10.63
CA LEU A 123 9.96 -19.24 -11.70
C LEU A 123 10.82 -19.99 -12.70
N THR A 124 10.49 -19.88 -13.98
CA THR A 124 11.19 -20.57 -15.05
C THR A 124 11.78 -19.56 -16.02
N GLU A 125 12.49 -20.08 -17.03
CA GLU A 125 13.07 -19.22 -18.05
C GLU A 125 11.99 -18.55 -18.90
N LYS A 126 10.85 -19.22 -19.09
CA LYS A 126 9.75 -18.58 -19.82
C LYS A 126 9.22 -17.38 -19.04
N ASP A 127 9.36 -17.38 -17.72
CA ASP A 127 8.85 -16.27 -16.92
C ASP A 127 9.75 -15.04 -17.04
N ILE A 128 11.07 -15.25 -17.00
CA ILE A 128 11.96 -14.10 -16.98
C ILE A 128 11.95 -13.36 -18.30
N TYR A 129 11.79 -14.07 -19.42
CA TYR A 129 11.63 -13.38 -20.70
C TYR A 129 10.36 -12.54 -20.69
N ARG A 130 9.29 -13.05 -20.09
CA ARG A 130 8.05 -12.28 -19.98
C ARG A 130 8.19 -11.14 -18.98
N LEU A 131 8.87 -11.38 -17.85
CA LEU A 131 9.10 -10.32 -16.88
C LEU A 131 9.99 -9.23 -17.46
N ASN A 132 10.94 -9.61 -18.32
CA ASN A 132 11.82 -8.62 -18.93
C ASN A 132 11.05 -7.62 -19.77
N LYS A 133 10.18 -8.10 -20.67
CA LYS A 133 9.42 -7.16 -21.49
C LYS A 133 8.43 -6.37 -20.65
N TYR A 134 7.98 -6.92 -19.51
CA TYR A 134 7.21 -6.09 -18.57
C TYR A 134 8.07 -4.95 -18.03
N ILE A 135 9.32 -5.23 -17.68
CA ILE A 135 10.22 -4.21 -17.15
C ILE A 135 10.47 -3.13 -18.20
N LYS A 136 10.67 -3.52 -19.46
CA LYS A 136 10.87 -2.54 -20.53
C LYS A 136 9.62 -1.69 -20.73
N ALA A 137 8.44 -2.33 -20.76
CA ALA A 137 7.19 -1.60 -20.90
C ALA A 137 6.92 -0.73 -19.68
N TYR A 138 7.28 -1.21 -18.48
CA TYR A 138 7.11 -0.40 -17.27
C TYR A 138 7.96 0.86 -17.32
N LYS A 139 9.20 0.75 -17.80
CA LYS A 139 10.07 1.92 -17.92
C LYS A 139 9.56 2.87 -19.00
N TYR A 140 9.13 2.34 -20.14
CA TYR A 140 8.64 3.19 -21.22
C TYR A 140 7.45 4.03 -20.77
N LEU A 141 6.51 3.40 -20.07
CA LEU A 141 5.32 4.11 -19.62
C LEU A 141 5.60 5.15 -18.55
N LYS A 142 6.82 5.20 -18.00
CA LYS A 142 7.18 6.18 -16.98
C LYS A 142 8.18 7.22 -17.49
N GLU A 143 8.18 7.48 -18.79
CA GLU A 143 9.07 8.50 -19.35
C GLU A 143 8.28 9.73 -19.79
N THR B 2 30.50 13.91 -2.86
CA THR B 2 30.29 13.64 -1.44
C THR B 2 30.05 12.17 -1.19
N ASN B 3 29.72 11.82 0.04
CA ASN B 3 29.48 10.44 0.42
C ASN B 3 28.06 9.98 0.12
N THR B 4 27.40 10.65 -0.82
CA THR B 4 26.04 10.34 -1.23
C THR B 4 26.07 9.74 -2.63
N SER B 5 25.16 8.81 -2.88
CA SER B 5 25.13 8.13 -4.18
C SER B 5 24.26 8.88 -5.19
N THR B 6 22.99 9.07 -4.85
CA THR B 6 22.02 9.67 -5.77
C THR B 6 21.42 10.91 -5.13
N LEU B 7 20.77 11.73 -5.96
CA LEU B 7 20.05 12.88 -5.44
C LEU B 7 18.99 12.47 -4.43
N LEU B 8 18.31 11.34 -4.70
CA LEU B 8 17.33 10.83 -3.74
C LEU B 8 17.96 10.60 -2.37
N GLU B 9 19.13 9.95 -2.33
CA GLU B 9 19.80 9.72 -1.05
C GLU B 9 20.17 11.04 -0.38
N LYS B 10 20.73 11.98 -1.14
CA LYS B 10 21.04 13.29 -0.59
C LYS B 10 19.78 13.95 -0.01
N ALA B 11 18.66 13.87 -0.73
CA ALA B 11 17.42 14.42 -0.22
C ALA B 11 17.03 13.78 1.11
N LEU B 12 17.19 12.46 1.23
CA LEU B 12 16.94 11.80 2.51
C LEU B 12 17.82 12.40 3.60
N GLN B 13 19.14 12.48 3.36
CA GLN B 13 20.03 12.95 4.41
C GLN B 13 19.75 14.41 4.79
N ILE B 14 19.36 15.25 3.83
CA ILE B 14 18.98 16.62 4.14
C ILE B 14 17.75 16.64 5.04
N ALA B 15 16.73 15.84 4.70
CA ALA B 15 15.52 15.79 5.52
C ALA B 15 15.82 15.25 6.91
N VAL B 16 16.60 14.17 6.99
CA VAL B 16 17.01 13.62 8.29
C VAL B 16 17.64 14.71 9.16
N LYS B 17 18.61 15.43 8.60
CA LYS B 17 19.28 16.47 9.38
C LYS B 17 18.31 17.60 9.74
N ALA B 18 17.51 18.06 8.78
CA ALA B 18 16.69 19.25 9.00
C ALA B 18 15.57 18.99 9.99
N HIS B 19 15.02 17.78 10.01
CA HIS B 19 13.92 17.44 10.89
C HIS B 19 14.37 16.77 12.19
N SER B 20 15.66 16.55 12.34
CA SER B 20 16.22 15.84 13.49
C SER B 20 15.72 16.42 14.80
N GLY B 21 15.09 15.58 15.62
CA GLY B 21 14.56 16.00 16.90
C GLY B 21 13.19 16.63 16.87
N GLN B 22 12.66 16.94 15.68
CA GLN B 22 11.31 17.49 15.56
C GLN B 22 10.28 16.38 15.76
N ILE B 23 9.14 16.73 16.37
CA ILE B 23 8.05 15.79 16.62
C ILE B 23 6.79 16.27 15.92
N ASP B 24 5.93 15.32 15.55
CA ASP B 24 4.68 15.65 14.88
C ASP B 24 3.52 15.62 15.87
N LYS B 25 2.30 15.76 15.37
CA LYS B 25 1.13 15.84 16.25
C LYS B 25 0.89 14.54 17.00
N ALA B 26 1.22 13.41 16.39
CA ALA B 26 1.02 12.10 17.01
C ALA B 26 2.09 11.77 18.06
N GLY B 27 3.13 12.59 18.20
CA GLY B 27 4.18 12.33 19.14
C GLY B 27 5.36 11.57 18.59
N SER B 28 5.35 11.21 17.30
CA SER B 28 6.43 10.50 16.67
C SER B 28 7.44 11.48 16.05
N ALA B 29 8.59 10.94 15.67
CA ALA B 29 9.63 11.75 15.05
C ALA B 29 9.15 12.26 13.70
N TYR B 30 9.30 13.57 13.46
CA TYR B 30 8.74 14.19 12.28
C TYR B 30 9.36 13.67 10.98
N ILE B 31 10.62 13.23 11.00
CA ILE B 31 11.29 12.74 9.79
C ILE B 31 10.47 11.67 9.09
N PHE B 32 9.73 10.86 9.83
CA PHE B 32 8.97 9.79 9.21
C PHE B 32 7.75 10.30 8.46
N HIS B 33 7.39 11.58 8.63
CA HIS B 33 6.31 12.12 7.80
C HIS B 33 6.75 12.29 6.36
N PRO B 34 7.85 12.98 6.01
CA PRO B 34 8.26 13.01 4.61
C PRO B 34 8.54 11.63 4.05
N ILE B 35 8.99 10.70 4.88
CA ILE B 35 9.24 9.34 4.42
C ILE B 35 7.93 8.65 4.02
N ARG B 36 6.90 8.76 4.88
CA ARG B 36 5.61 8.16 4.56
C ARG B 36 4.98 8.83 3.35
N VAL B 37 5.13 10.15 3.22
CA VAL B 37 4.66 10.82 2.02
C VAL B 37 5.41 10.29 0.80
N SER B 38 6.73 10.12 0.92
CA SER B 38 7.54 9.62 -0.19
C SER B 38 7.21 8.17 -0.55
N ASN B 39 6.78 7.35 0.42
N ASN B 39 6.78 7.36 0.41
CA ASN B 39 6.44 5.97 0.10
CA ASN B 39 6.45 5.97 0.10
C ASN B 39 5.22 5.90 -0.81
C ASN B 39 5.22 5.89 -0.80
N ARG B 40 4.37 6.91 -0.79
CA ARG B 40 3.17 6.95 -1.62
C ARG B 40 3.46 7.38 -3.04
N CYS B 41 4.64 7.93 -3.31
CA CYS B 41 4.93 8.51 -4.61
C CYS B 41 5.34 7.43 -5.61
N SER B 42 5.26 7.81 -6.89
CA SER B 42 5.45 6.85 -7.98
C SER B 42 6.77 7.03 -8.72
N THR B 43 7.34 8.22 -8.75
CA THR B 43 8.59 8.47 -9.44
C THR B 43 9.64 8.98 -8.47
N ASP B 44 10.90 8.90 -8.91
CA ASP B 44 11.99 9.44 -8.11
C ASP B 44 11.87 10.95 -7.96
N ASP B 45 11.39 11.65 -8.99
CA ASP B 45 11.18 13.08 -8.89
C ASP B 45 10.15 13.43 -7.82
N GLU B 46 9.07 12.64 -7.75
CA GLU B 46 8.10 12.85 -6.69
C GLU B 46 8.69 12.54 -5.32
N ARG B 47 9.47 11.46 -5.23
CA ARG B 47 10.03 11.04 -3.95
C ARG B 47 11.00 12.07 -3.39
N ILE B 48 11.85 12.65 -4.25
CA ILE B 48 12.77 13.68 -3.80
C ILE B 48 12.01 14.86 -3.21
N VAL B 49 10.95 15.28 -3.88
CA VAL B 49 10.20 16.45 -3.44
C VAL B 49 9.43 16.14 -2.16
N ALA B 50 8.87 14.92 -2.06
CA ALA B 50 8.23 14.52 -0.82
C ALA B 50 9.19 14.54 0.35
N LEU B 51 10.37 13.96 0.17
CA LEU B 51 11.36 13.95 1.25
C LEU B 51 11.72 15.36 1.70
N LEU B 52 11.71 16.33 0.79
CA LEU B 52 12.13 17.69 1.10
C LEU B 52 10.96 18.67 1.23
N HIS B 53 9.72 18.18 1.10
CA HIS B 53 8.58 19.10 0.98
C HIS B 53 8.42 20.02 2.18
N ASP B 54 9.07 19.71 3.31
CA ASP B 54 8.91 20.54 4.49
C ASP B 54 10.25 21.02 5.06
N THR B 55 11.33 20.92 4.29
CA THR B 55 12.65 21.34 4.76
C THR B 55 12.90 22.84 4.62
N ILE B 56 12.12 23.57 3.81
CA ILE B 56 12.44 24.99 3.59
C ILE B 56 12.37 25.76 4.90
N GLU B 57 11.51 25.35 5.83
CA GLU B 57 11.43 26.03 7.13
C GLU B 57 12.75 25.96 7.89
N ASP B 58 13.53 24.89 7.68
CA ASP B 58 14.83 24.80 8.32
C ASP B 58 15.74 25.92 7.82
N THR B 59 16.39 26.62 8.76
CA THR B 59 17.16 27.80 8.39
C THR B 59 18.34 27.46 7.49
N GLU B 60 18.89 26.24 7.61
CA GLU B 60 20.00 25.85 6.74
C GLU B 60 19.52 25.54 5.32
N VAL B 61 18.35 24.92 5.18
CA VAL B 61 17.86 24.49 3.88
C VAL B 61 17.10 25.64 3.23
N THR B 62 17.55 26.04 2.05
CA THR B 62 16.94 27.09 1.23
C THR B 62 16.97 26.65 -0.22
N ALA B 63 16.25 27.40 -1.07
CA ALA B 63 16.28 27.14 -2.50
C ALA B 63 17.70 27.20 -3.05
N GLU B 64 18.48 28.22 -2.65
CA GLU B 64 19.86 28.33 -3.10
C GLU B 64 20.68 27.14 -2.65
N TYR B 65 20.49 26.69 -1.41
CA TYR B 65 21.21 25.53 -0.91
C TYR B 65 20.94 24.30 -1.77
N LEU B 66 19.66 24.03 -2.05
CA LEU B 66 19.31 22.87 -2.87
C LEU B 66 19.93 22.98 -4.26
N LEU B 67 19.84 24.15 -4.89
CA LEU B 67 20.48 24.33 -6.20
C LEU B 67 21.98 24.07 -6.12
N MSE B 68 22.62 24.58 -5.07
CA MSE B 68 24.05 24.35 -4.83
C MSE B 68 24.39 22.85 -4.77
O MSE B 68 25.44 22.43 -5.25
CB MSE B 68 24.47 25.04 -3.53
CG MSE B 68 25.96 25.32 -3.38
SE MSE B 68 26.51 26.98 -4.25
CE MSE B 68 25.10 28.15 -3.57
N GLU B 69 23.48 22.06 -4.20
CA GLU B 69 23.74 20.64 -3.97
C GLU B 69 23.52 19.80 -5.22
N GLY B 70 22.96 20.38 -6.28
CA GLY B 70 22.75 19.65 -7.52
C GLY B 70 21.30 19.36 -7.87
N PHE B 71 20.32 19.76 -7.06
CA PHE B 71 18.94 19.45 -7.37
C PHE B 71 18.47 20.30 -8.54
N PRO B 72 17.90 19.70 -9.60
CA PRO B 72 17.46 20.50 -10.76
C PRO B 72 16.49 21.58 -10.35
N ARG B 73 16.38 22.60 -11.21
CA ARG B 73 15.53 23.74 -10.90
C ARG B 73 14.06 23.33 -10.84
N ASN B 74 13.64 22.42 -11.73
CA ASN B 74 12.25 21.98 -11.70
C ASN B 74 11.93 21.19 -10.43
N ILE B 75 12.92 20.49 -9.89
CA ILE B 75 12.74 19.87 -8.58
C ILE B 75 12.60 20.93 -7.50
N VAL B 76 13.50 21.93 -7.52
CA VAL B 76 13.45 22.99 -6.52
C VAL B 76 12.16 23.78 -6.66
N ASP B 77 11.75 24.09 -7.90
CA ASP B 77 10.48 24.78 -8.10
C ASP B 77 9.30 23.94 -7.61
N ALA B 78 9.38 22.61 -7.72
CA ALA B 78 8.31 21.77 -7.20
C ALA B 78 8.24 21.83 -5.68
N ILE B 79 9.40 21.80 -5.02
CA ILE B 79 9.45 21.97 -3.57
C ILE B 79 8.86 23.31 -3.16
N LEU B 80 9.16 24.37 -3.92
CA LEU B 80 8.61 25.68 -3.61
C LEU B 80 7.11 25.75 -3.90
N SER B 81 6.61 24.92 -4.81
CA SER B 81 5.17 24.89 -5.08
C SER B 81 4.40 24.29 -3.90
N VAL B 82 5.04 23.45 -3.10
CA VAL B 82 4.41 22.91 -1.89
C VAL B 82 4.96 23.54 -0.62
N THR B 83 5.65 24.68 -0.74
CA THR B 83 6.12 25.47 0.39
C THR B 83 5.27 26.74 0.45
N ARG B 84 4.47 26.86 1.51
CA ARG B 84 3.55 27.98 1.62
C ARG B 84 4.30 29.28 1.91
N ASN B 85 3.87 30.36 1.25
CA ASN B 85 4.46 31.68 1.46
C ASN B 85 3.98 32.30 2.77
N GLU B 86 4.71 33.32 3.22
CA GLU B 86 4.55 33.82 4.59
C GLU B 86 3.15 34.37 4.83
N ASP B 87 2.67 35.24 3.94
CA ASP B 87 1.34 35.85 4.11
C ASP B 87 0.31 35.27 3.15
N GLU B 88 0.56 34.09 2.61
CA GLU B 88 -0.36 33.46 1.67
C GLU B 88 -1.45 32.69 2.39
N SER B 89 -2.67 32.81 1.90
CA SER B 89 -3.78 32.04 2.45
C SER B 89 -3.63 30.57 2.07
N TYR B 90 -4.17 29.69 2.91
CA TYR B 90 -4.09 28.26 2.63
C TYR B 90 -4.74 27.92 1.30
N ASP B 91 -5.91 28.50 1.03
CA ASP B 91 -6.60 28.26 -0.23
C ASP B 91 -5.76 28.69 -1.42
N ASP B 92 -5.18 29.89 -1.36
CA ASP B 92 -4.30 30.33 -2.43
C ASP B 92 -3.05 29.47 -2.52
N PHE B 93 -2.57 28.94 -1.39
CA PHE B 93 -1.43 28.03 -1.44
C PHE B 93 -1.78 26.74 -2.16
N ILE B 94 -2.96 26.18 -1.86
CA ILE B 94 -3.36 24.94 -2.52
C ILE B 94 -3.56 25.16 -4.02
N LYS B 95 -4.13 26.30 -4.40
CA LYS B 95 -4.32 26.60 -5.82
C LYS B 95 -2.97 26.71 -6.53
N ARG B 96 -1.97 27.31 -5.87
CA ARG B 96 -0.64 27.46 -6.46
C ARG B 96 0.06 26.11 -6.60
N SER B 97 -0.13 25.21 -5.63
CA SER B 97 0.52 23.90 -5.70
C SER B 97 -0.09 23.01 -6.78
N ARG B 98 -1.35 23.23 -7.15
CA ARG B 98 -1.95 22.40 -8.19
C ARG B 98 -1.37 22.71 -9.57
N LEU B 99 -0.85 23.92 -9.76
CA LEU B 99 -0.29 24.28 -11.06
C LEU B 99 1.00 23.53 -11.38
N ASN B 100 1.67 22.99 -10.36
CA ASN B 100 2.92 22.29 -10.58
C ASN B 100 2.67 20.79 -10.69
N PRO B 101 3.07 20.15 -11.80
CA PRO B 101 2.74 18.71 -11.97
C PRO B 101 3.27 17.83 -10.86
N ILE B 102 4.56 17.96 -10.51
CA ILE B 102 5.12 17.13 -9.45
C ILE B 102 4.54 17.53 -8.10
N GLY B 103 4.48 18.84 -7.83
CA GLY B 103 3.99 19.29 -6.54
C GLY B 103 2.55 18.88 -6.26
N ARG B 104 1.68 18.96 -7.26
CA ARG B 104 0.30 18.51 -7.07
C ARG B 104 0.26 17.09 -6.54
N GLN B 105 1.04 16.20 -7.15
CA GLN B 105 1.04 14.80 -6.73
C GLN B 105 1.59 14.66 -5.32
N VAL B 106 2.69 15.35 -5.01
CA VAL B 106 3.27 15.29 -3.67
C VAL B 106 2.31 15.87 -2.64
N LYS B 107 1.65 16.98 -2.96
CA LYS B 107 0.72 17.59 -2.02
C LYS B 107 -0.47 16.69 -1.73
N LEU B 108 -0.92 15.91 -2.71
CA LEU B 108 -1.96 14.92 -2.46
C LEU B 108 -1.48 13.91 -1.42
N HIS B 109 -0.27 13.38 -1.60
CA HIS B 109 0.26 12.40 -0.66
C HIS B 109 0.55 13.03 0.70
N ASP B 110 0.99 14.29 0.72
CA ASP B 110 1.08 15.02 1.98
C ASP B 110 -0.27 15.05 2.70
N LEU B 111 -1.33 15.42 1.98
CA LEU B 111 -2.66 15.48 2.60
C LEU B 111 -3.10 14.11 3.08
N GLU B 112 -2.85 13.05 2.30
CA GLU B 112 -3.23 11.71 2.73
C GLU B 112 -2.59 11.37 4.07
N ASP B 113 -1.30 11.65 4.23
CA ASP B 113 -0.64 11.34 5.50
C ASP B 113 -1.21 12.15 6.64
N ASN B 114 -1.47 13.45 6.40
CA ASN B 114 -2.02 14.29 7.47
C ASN B 114 -3.44 13.88 7.86
N MSE B 115 -4.14 13.15 6.99
CA MSE B 115 -5.50 12.71 7.23
C MSE B 115 -5.54 11.30 7.83
O MSE B 115 -6.62 10.79 8.15
CB MSE B 115 -6.31 12.76 5.93
CG MSE B 115 -6.69 14.19 5.50
SE MSE B 115 -7.77 14.30 3.89
CE MSE B 115 -6.45 13.67 2.58
N ASP B 116 -4.37 10.69 8.00
CA ASP B 116 -4.24 9.32 8.52
C ASP B 116 -4.40 9.35 10.03
N ILE B 117 -5.64 9.20 10.50
CA ILE B 117 -5.89 9.26 11.93
C ILE B 117 -5.64 7.93 12.64
N THR B 118 -5.19 6.89 11.92
CA THR B 118 -4.79 5.65 12.59
C THR B 118 -3.53 5.84 13.43
N ARG B 119 -2.78 6.91 13.17
CA ARG B 119 -1.59 7.22 13.97
C ARG B 119 -1.91 8.07 15.19
N LEU B 120 -3.11 8.61 15.29
CA LEU B 120 -3.46 9.55 16.35
C LEU B 120 -3.96 8.78 17.57
N ASN B 121 -3.60 9.28 18.76
CA ASN B 121 -4.04 8.66 19.99
C ASN B 121 -5.47 9.05 20.34
N GLU B 122 -5.92 10.22 19.89
CA GLU B 122 -7.30 10.65 20.09
C GLU B 122 -7.61 11.75 19.10
N LEU B 123 -8.87 12.18 19.10
CA LEU B 123 -9.33 13.31 18.31
C LEU B 123 -10.21 14.18 19.18
N THR B 124 -10.10 15.49 19.00
CA THR B 124 -10.96 16.46 19.67
C THR B 124 -11.74 17.23 18.62
N GLU B 125 -12.68 18.05 19.09
CA GLU B 125 -13.44 18.87 18.15
C GLU B 125 -12.61 20.00 17.57
N LYS B 126 -11.48 20.35 18.21
CA LYS B 126 -10.60 21.37 17.66
C LYS B 126 -9.94 20.92 16.37
N ASP B 127 -9.87 19.60 16.12
CA ASP B 127 -9.27 19.07 14.91
C ASP B 127 -10.20 19.15 13.71
N ILE B 128 -11.47 19.45 13.92
CA ILE B 128 -12.46 19.42 12.84
C ILE B 128 -12.10 20.41 11.74
N TYR B 129 -11.74 21.65 12.12
CA TYR B 129 -11.50 22.67 11.10
C TYR B 129 -10.35 22.29 10.19
N ARG B 130 -9.20 21.93 10.77
CA ARG B 130 -8.04 21.60 9.96
C ARG B 130 -8.27 20.34 9.13
N LEU B 131 -8.97 19.35 9.68
CA LEU B 131 -9.25 18.15 8.89
C LEU B 131 -10.18 18.46 7.72
N ASN B 132 -11.15 19.36 7.94
CA ASN B 132 -12.02 19.76 6.85
C ASN B 132 -11.28 20.60 5.81
N LYS B 133 -10.26 21.36 6.23
CA LYS B 133 -9.41 22.03 5.26
C LYS B 133 -8.62 21.02 4.43
N TYR B 134 -8.11 19.97 5.07
CA TYR B 134 -7.42 18.93 4.33
C TYR B 134 -8.35 18.26 3.31
N ILE B 135 -9.58 17.92 3.73
CA ILE B 135 -10.55 17.30 2.84
C ILE B 135 -10.87 18.22 1.66
N LYS B 136 -11.16 19.49 1.95
CA LYS B 136 -11.49 20.44 0.88
C LYS B 136 -10.34 20.57 -0.11
N ALA B 137 -9.11 20.71 0.38
CA ALA B 137 -7.96 20.83 -0.51
C ALA B 137 -7.67 19.53 -1.24
N TYR B 138 -7.91 18.39 -0.59
CA TYR B 138 -7.73 17.10 -1.26
C TYR B 138 -8.65 16.96 -2.46
N LYS B 139 -9.94 17.31 -2.28
CA LYS B 139 -10.88 17.26 -3.40
C LYS B 139 -10.50 18.26 -4.49
N TYR B 140 -10.01 19.44 -4.12
CA TYR B 140 -9.66 20.44 -5.12
C TYR B 140 -8.51 19.96 -6.00
N LEU B 141 -7.54 19.25 -5.42
CA LEU B 141 -6.45 18.69 -6.23
C LEU B 141 -6.92 17.49 -7.05
N LYS B 142 -8.00 16.83 -6.64
CA LYS B 142 -8.56 15.71 -7.40
C LYS B 142 -9.39 16.16 -8.59
N GLU B 143 -9.84 17.43 -8.61
CA GLU B 143 -10.63 17.93 -9.73
C GLU B 143 -9.82 18.07 -11.00
N HIS B 144 -8.50 17.87 -10.95
CA HIS B 144 -7.67 18.00 -12.15
C HIS B 144 -8.11 17.01 -13.22
N HIS B 145 -8.37 15.76 -12.84
CA HIS B 145 -8.79 14.75 -13.80
C HIS B 145 -10.25 14.36 -13.62
N MSE C 1 -7.41 -25.34 -9.22
CA MSE C 1 -7.74 -24.35 -8.20
C MSE C 1 -8.01 -25.03 -6.85
O MSE C 1 -8.85 -25.93 -6.76
CB MSE C 1 -8.95 -23.51 -8.63
CG MSE C 1 -9.28 -22.35 -7.70
SE MSE C 1 -10.62 -21.12 -8.39
CE MSE C 1 -12.04 -22.41 -8.80
N THR C 2 -7.27 -24.61 -5.83
CA THR C 2 -7.38 -25.24 -4.51
C THR C 2 -8.71 -24.88 -3.84
N ASN C 3 -8.99 -25.56 -2.73
CA ASN C 3 -10.24 -25.31 -2.02
C ASN C 3 -10.25 -23.91 -1.39
N THR C 4 -9.14 -23.49 -0.80
CA THR C 4 -9.08 -22.14 -0.25
C THR C 4 -9.18 -21.09 -1.34
N SER C 5 -8.59 -21.35 -2.52
CA SER C 5 -8.71 -20.43 -3.63
C SER C 5 -10.13 -20.41 -4.19
N THR C 6 -10.80 -21.57 -4.24
CA THR C 6 -12.19 -21.60 -4.68
C THR C 6 -13.10 -20.89 -3.69
N LEU C 7 -12.91 -21.11 -2.39
CA LEU C 7 -13.72 -20.41 -1.40
C LEU C 7 -13.51 -18.91 -1.48
N LEU C 8 -12.31 -18.47 -1.85
CA LEU C 8 -12.05 -17.04 -1.96
C LEU C 8 -12.83 -16.42 -3.11
N GLU C 9 -12.89 -17.10 -4.26
CA GLU C 9 -13.76 -16.63 -5.34
C GLU C 9 -15.22 -16.72 -4.93
N LYS C 10 -15.63 -17.84 -4.33
CA LYS C 10 -16.98 -17.98 -3.81
C LYS C 10 -17.33 -16.84 -2.85
N ALA C 11 -16.42 -16.51 -1.93
CA ALA C 11 -16.67 -15.44 -0.97
C ALA C 11 -16.91 -14.11 -1.67
N LEU C 12 -16.16 -13.84 -2.74
CA LEU C 12 -16.37 -12.61 -3.50
C LEU C 12 -17.77 -12.59 -4.12
N GLN C 13 -18.16 -13.65 -4.81
CA GLN C 13 -19.46 -13.67 -5.46
C GLN C 13 -20.60 -13.57 -4.45
N ILE C 14 -20.42 -14.14 -3.25
CA ILE C 14 -21.47 -14.03 -2.23
C ILE C 14 -21.57 -12.59 -1.72
N ALA C 15 -20.42 -11.92 -1.54
CA ALA C 15 -20.45 -10.53 -1.09
C ALA C 15 -21.04 -9.60 -2.15
N VAL C 16 -20.65 -9.79 -3.41
CA VAL C 16 -21.15 -8.93 -4.48
C VAL C 16 -22.67 -8.99 -4.56
N LYS C 17 -23.23 -10.21 -4.49
CA LYS C 17 -24.68 -10.35 -4.55
C LYS C 17 -25.36 -9.76 -3.32
N ALA C 18 -24.79 -9.99 -2.13
CA ALA C 18 -25.45 -9.55 -0.90
C ALA C 18 -25.47 -8.03 -0.80
N HIS C 19 -24.38 -7.37 -1.17
CA HIS C 19 -24.27 -5.91 -1.06
C HIS C 19 -24.66 -5.19 -2.35
N SER C 20 -25.27 -5.91 -3.29
CA SER C 20 -25.65 -5.31 -4.57
C SER C 20 -26.64 -4.18 -4.33
N GLY C 21 -26.31 -2.99 -4.83
CA GLY C 21 -27.18 -1.83 -4.71
C GLY C 21 -27.07 -1.09 -3.40
N GLN C 22 -26.36 -1.62 -2.41
CA GLN C 22 -26.19 -0.92 -1.15
C GLN C 22 -25.18 0.21 -1.30
N ILE C 23 -25.40 1.28 -0.53
CA ILE C 23 -24.54 2.46 -0.55
C ILE C 23 -24.07 2.74 0.86
N ASP C 24 -22.92 3.41 0.96
CA ASP C 24 -22.34 3.79 2.25
C ASP C 24 -22.69 5.25 2.55
N LYS C 25 -22.03 5.83 3.56
CA LYS C 25 -22.30 7.21 3.94
C LYS C 25 -21.97 8.18 2.81
N ALA C 26 -20.86 7.93 2.10
CA ALA C 26 -20.43 8.84 1.04
C ALA C 26 -21.34 8.73 -0.18
N GLY C 27 -21.91 7.56 -0.42
CA GLY C 27 -22.75 7.33 -1.58
C GLY C 27 -22.21 6.30 -2.55
N SER C 28 -20.98 5.82 -2.37
CA SER C 28 -20.43 4.83 -3.27
C SER C 28 -20.94 3.44 -2.91
N ALA C 29 -20.76 2.50 -3.85
CA ALA C 29 -21.25 1.14 -3.67
C ALA C 29 -20.60 0.49 -2.46
N TYR C 30 -21.44 -0.05 -1.57
CA TYR C 30 -20.94 -0.62 -0.32
C TYR C 30 -20.05 -1.84 -0.54
N ILE C 31 -20.16 -2.51 -1.69
CA ILE C 31 -19.35 -3.69 -1.93
C ILE C 31 -17.86 -3.37 -1.82
N PHE C 32 -17.47 -2.16 -2.19
CA PHE C 32 -16.06 -1.85 -2.19
C PHE C 32 -15.49 -1.73 -0.78
N HIS C 33 -16.36 -1.61 0.25
CA HIS C 33 -15.85 -1.66 1.62
C HIS C 33 -15.23 -3.01 1.95
N PRO C 34 -15.94 -4.15 1.88
CA PRO C 34 -15.25 -5.44 2.13
C PRO C 34 -14.04 -5.66 1.24
N ILE C 35 -14.09 -5.19 0.00
CA ILE C 35 -12.95 -5.36 -0.91
C ILE C 35 -11.75 -4.57 -0.43
N ARG C 36 -11.97 -3.32 0.00
CA ARG C 36 -10.86 -2.53 0.52
C ARG C 36 -10.31 -3.11 1.81
N VAL C 37 -11.18 -3.72 2.64
CA VAL C 37 -10.71 -4.38 3.85
C VAL C 37 -9.91 -5.63 3.49
N SER C 38 -10.40 -6.40 2.53
CA SER C 38 -9.68 -7.58 2.04
C SER C 38 -8.30 -7.21 1.54
N ASN C 39 -8.18 -6.11 0.80
CA ASN C 39 -6.88 -5.72 0.24
C ASN C 39 -5.84 -5.46 1.30
N ARG C 40 -6.26 -5.21 2.55
CA ARG C 40 -5.33 -5.00 3.65
C ARG C 40 -4.94 -6.29 4.36
N CYS C 41 -5.60 -7.41 4.03
CA CYS C 41 -5.29 -8.66 4.71
C CYS C 41 -4.06 -9.32 4.08
N SER C 42 -3.47 -10.25 4.84
CA SER C 42 -2.21 -10.89 4.46
C SER C 42 -2.38 -12.34 4.02
N THR C 43 -3.38 -13.04 4.53
CA THR C 43 -3.63 -14.44 4.20
C THR C 43 -4.99 -14.57 3.53
N ASP C 44 -5.20 -15.72 2.88
CA ASP C 44 -6.47 -15.97 2.21
C ASP C 44 -7.58 -16.20 3.21
N ASP C 45 -7.28 -16.85 4.34
CA ASP C 45 -8.25 -16.96 5.42
C ASP C 45 -8.75 -15.58 5.83
N GLU C 46 -7.85 -14.62 6.01
CA GLU C 46 -8.25 -13.27 6.35
C GLU C 46 -9.03 -12.61 5.23
N ARG C 47 -8.60 -12.82 3.97
N ARG C 47 -8.60 -12.82 3.97
CA ARG C 47 -9.31 -12.21 2.85
CA ARG C 47 -9.30 -12.21 2.85
C ARG C 47 -10.74 -12.71 2.75
C ARG C 47 -10.73 -12.71 2.74
N ILE C 48 -10.96 -13.99 3.01
CA ILE C 48 -12.32 -14.54 2.96
C ILE C 48 -13.21 -13.89 4.02
N VAL C 49 -12.72 -13.84 5.26
CA VAL C 49 -13.51 -13.26 6.34
C VAL C 49 -13.78 -11.78 6.06
N ALA C 50 -12.78 -11.06 5.53
CA ALA C 50 -12.97 -9.66 5.19
C ALA C 50 -14.08 -9.47 4.17
N LEU C 51 -14.12 -10.29 3.13
CA LEU C 51 -15.13 -10.11 2.09
C LEU C 51 -16.53 -10.40 2.62
N LEU C 52 -16.66 -11.27 3.62
CA LEU C 52 -17.97 -11.66 4.13
C LEU C 52 -18.30 -11.04 5.48
N HIS C 53 -17.44 -10.15 6.01
CA HIS C 53 -17.59 -9.72 7.40
C HIS C 53 -18.87 -8.94 7.67
N ASP C 54 -19.53 -8.39 6.64
CA ASP C 54 -20.78 -7.66 6.83
C ASP C 54 -21.94 -8.28 6.04
N THR C 55 -21.87 -9.58 5.71
CA THR C 55 -22.94 -10.23 4.95
C THR C 55 -23.98 -10.93 5.82
N ILE C 56 -23.69 -11.17 7.11
CA ILE C 56 -24.65 -11.86 7.96
C ILE C 56 -25.93 -11.05 8.11
N GLU C 57 -25.83 -9.72 8.07
N GLU C 57 -25.82 -9.73 8.07
CA GLU C 57 -27.01 -8.89 8.12
CA GLU C 57 -27.02 -8.89 8.12
C GLU C 57 -27.94 -9.12 6.93
C GLU C 57 -27.94 -9.12 6.93
N ASP C 58 -27.42 -9.66 5.83
CA ASP C 58 -28.27 -9.98 4.68
C ASP C 58 -29.11 -11.22 4.97
N THR C 59 -30.34 -11.23 4.45
CA THR C 59 -31.27 -12.30 4.81
C THR C 59 -30.85 -13.64 4.21
N GLU C 60 -30.29 -13.62 3.00
CA GLU C 60 -29.93 -14.87 2.34
C GLU C 60 -28.69 -15.48 2.98
N VAL C 61 -27.75 -14.65 3.43
CA VAL C 61 -26.47 -15.12 3.95
C VAL C 61 -26.61 -15.32 5.46
N THR C 62 -26.56 -16.56 5.89
CA THR C 62 -26.57 -16.94 7.30
C THR C 62 -25.32 -17.75 7.61
N ALA C 63 -25.17 -18.13 8.88
CA ALA C 63 -24.04 -18.95 9.28
C ALA C 63 -24.11 -20.34 8.66
N GLU C 64 -25.30 -20.95 8.65
CA GLU C 64 -25.45 -22.28 8.08
C GLU C 64 -25.33 -22.26 6.57
N TYR C 65 -25.81 -21.20 5.92
CA TYR C 65 -25.66 -21.06 4.47
C TYR C 65 -24.20 -21.08 4.06
N LEU C 66 -23.35 -20.35 4.79
CA LEU C 66 -21.91 -20.38 4.51
C LEU C 66 -21.32 -21.77 4.77
N LEU C 67 -21.75 -22.42 5.85
CA LEU C 67 -21.31 -23.80 6.08
C LEU C 67 -21.79 -24.72 4.97
N MSE C 68 -22.99 -24.45 4.42
CA MSE C 68 -23.56 -25.21 3.33
C MSE C 68 -22.77 -25.02 2.03
O MSE C 68 -22.67 -25.93 1.21
CB MSE C 68 -25.02 -24.81 3.12
CG MSE C 68 -25.78 -25.68 2.14
SE MSE C 68 -26.27 -27.40 2.93
CE MSE C 68 -27.31 -26.74 4.45
N GLU C 69 -22.22 -23.81 1.86
CA GLU C 69 -21.45 -23.48 0.67
C GLU C 69 -20.02 -23.99 0.72
N GLY C 70 -19.61 -24.63 1.81
CA GLY C 70 -18.29 -25.23 1.92
C GLY C 70 -17.31 -24.49 2.80
N PHE C 71 -17.68 -23.34 3.34
CA PHE C 71 -16.78 -22.60 4.22
C PHE C 71 -16.62 -23.35 5.54
N PRO C 72 -15.40 -23.64 5.98
CA PRO C 72 -15.21 -24.46 7.18
C PRO C 72 -15.65 -23.72 8.43
N ARG C 73 -15.74 -24.49 9.52
CA ARG C 73 -16.26 -23.96 10.77
C ARG C 73 -15.40 -22.82 11.32
N ASN C 74 -14.07 -22.90 11.13
CA ASN C 74 -13.21 -21.86 11.68
C ASN C 74 -13.37 -20.54 10.93
N ILE C 75 -13.64 -20.60 9.62
CA ILE C 75 -13.87 -19.38 8.86
C ILE C 75 -15.19 -18.74 9.29
N VAL C 76 -16.25 -19.54 9.39
CA VAL C 76 -17.57 -19.02 9.77
C VAL C 76 -17.53 -18.43 11.18
N ASP C 77 -16.86 -19.11 12.11
CA ASP C 77 -16.69 -18.56 13.45
C ASP C 77 -15.98 -17.22 13.41
N ALA C 78 -14.97 -17.09 12.55
CA ALA C 78 -14.28 -15.81 12.40
C ALA C 78 -15.21 -14.72 11.91
N ILE C 79 -16.08 -15.05 10.94
CA ILE C 79 -17.05 -14.08 10.46
C ILE C 79 -18.02 -13.68 11.57
N LEU C 80 -18.45 -14.66 12.38
CA LEU C 80 -19.34 -14.35 13.49
C LEU C 80 -18.65 -13.55 14.57
N SER C 81 -17.32 -13.64 14.68
CA SER C 81 -16.61 -12.87 15.71
C SER C 81 -16.57 -11.39 15.35
N VAL C 82 -16.69 -11.05 14.07
CA VAL C 82 -16.76 -9.65 13.63
C VAL C 82 -18.18 -9.26 13.22
N THR C 83 -19.18 -10.01 13.67
CA THR C 83 -20.57 -9.68 13.45
C THR C 83 -21.19 -9.35 14.80
N ARG C 84 -21.61 -8.09 14.97
CA ARG C 84 -22.11 -7.63 16.25
C ARG C 84 -23.46 -8.26 16.56
N ASN C 85 -23.59 -8.80 17.77
CA ASN C 85 -24.84 -9.43 18.20
C ASN C 85 -25.92 -8.37 18.45
N GLU C 86 -27.15 -8.85 18.61
CA GLU C 86 -28.30 -7.95 18.60
C GLU C 86 -28.21 -6.90 19.69
N ASP C 87 -28.16 -7.33 20.94
CA ASP C 87 -28.12 -6.40 22.07
C ASP C 87 -26.71 -6.17 22.60
N GLU C 88 -25.68 -6.59 21.86
CA GLU C 88 -24.31 -6.50 22.33
C GLU C 88 -23.78 -5.07 22.18
N SER C 89 -23.20 -4.55 23.26
CA SER C 89 -22.61 -3.22 23.26
C SER C 89 -21.30 -3.21 22.46
N TYR C 90 -20.89 -2.01 22.05
CA TYR C 90 -19.70 -1.90 21.21
C TYR C 90 -18.46 -2.40 21.94
N ASP C 91 -18.28 -1.98 23.20
CA ASP C 91 -17.15 -2.45 23.99
C ASP C 91 -17.15 -3.97 24.09
N ASP C 92 -18.30 -4.57 24.38
CA ASP C 92 -18.37 -6.03 24.44
C ASP C 92 -18.13 -6.66 23.07
N PHE C 93 -18.46 -5.93 21.99
CA PHE C 93 -18.26 -6.46 20.65
C PHE C 93 -16.78 -6.51 20.29
N ILE C 94 -16.04 -5.44 20.59
CA ILE C 94 -14.60 -5.44 20.32
C ILE C 94 -13.90 -6.51 21.15
N LYS C 95 -14.33 -6.68 22.40
CA LYS C 95 -13.72 -7.72 23.25
C LYS C 95 -13.89 -9.10 22.62
N ARG C 96 -15.06 -9.38 22.07
CA ARG C 96 -15.30 -10.68 21.45
C ARG C 96 -14.46 -10.86 20.19
N SER C 97 -14.25 -9.78 19.42
CA SER C 97 -13.47 -9.86 18.19
C SER C 97 -12.02 -10.25 18.45
N ARG C 98 -11.42 -9.76 19.53
CA ARG C 98 -10.02 -10.05 19.79
C ARG C 98 -9.78 -11.51 20.14
N LEU C 99 -10.81 -12.21 20.63
CA LEU C 99 -10.64 -13.62 21.00
C LEU C 99 -10.43 -14.51 19.78
N ASN C 100 -10.90 -14.08 18.60
CA ASN C 100 -10.74 -14.86 17.37
C ASN C 100 -9.50 -14.40 16.61
N PRO C 101 -8.53 -15.30 16.37
CA PRO C 101 -7.28 -14.85 15.73
C PRO C 101 -7.48 -14.25 14.35
N ILE C 102 -8.34 -14.86 13.53
CA ILE C 102 -8.61 -14.30 12.20
C ILE C 102 -9.47 -13.04 12.31
N GLY C 103 -10.57 -13.11 13.07
CA GLY C 103 -11.45 -11.97 13.19
C GLY C 103 -10.77 -10.74 13.76
N ARG C 104 -9.88 -10.93 14.74
CA ARG C 104 -9.12 -9.82 15.29
C ARG C 104 -8.37 -9.06 14.21
N GLN C 105 -7.65 -9.78 13.34
CA GLN C 105 -6.88 -9.14 12.28
C GLN C 105 -7.80 -8.45 11.28
N VAL C 106 -8.88 -9.13 10.89
CA VAL C 106 -9.83 -8.55 9.94
C VAL C 106 -10.47 -7.30 10.54
N LYS C 107 -10.87 -7.35 11.81
CA LYS C 107 -11.47 -6.18 12.44
C LYS C 107 -10.51 -4.99 12.43
N LEU C 108 -9.22 -5.25 12.64
CA LEU C 108 -8.23 -4.18 12.55
C LEU C 108 -8.30 -3.49 11.19
N HIS C 109 -8.30 -4.28 10.11
CA HIS C 109 -8.36 -3.68 8.78
C HIS C 109 -9.72 -3.03 8.52
N ASP C 110 -10.78 -3.57 9.11
CA ASP C 110 -12.09 -2.92 9.02
C ASP C 110 -12.07 -1.55 9.68
N LEU C 111 -11.44 -1.45 10.86
CA LEU C 111 -11.30 -0.15 11.52
C LEU C 111 -10.48 0.82 10.68
N GLU C 112 -9.36 0.34 10.11
CA GLU C 112 -8.55 1.20 9.25
C GLU C 112 -9.38 1.79 8.13
N ASP C 113 -10.21 0.97 7.47
CA ASP C 113 -11.06 1.51 6.40
C ASP C 113 -12.07 2.49 6.94
N ASN C 114 -12.66 2.21 8.12
CA ASN C 114 -13.65 3.12 8.69
C ASN C 114 -13.03 4.43 9.16
N MSE C 115 -11.74 4.44 9.42
CA MSE C 115 -11.04 5.64 9.87
C MSE C 115 -10.50 6.47 8.71
O MSE C 115 -9.89 7.52 8.91
CB MSE C 115 -9.90 5.26 10.83
CG MSE C 115 -10.39 4.79 12.19
SE MSE C 115 -8.97 4.40 13.45
CE MSE C 115 -8.34 2.74 12.67
N ASP C 116 -10.72 5.98 7.49
CA ASP C 116 -10.25 6.64 6.27
C ASP C 116 -11.20 7.78 5.95
N ILE C 117 -10.79 9.01 6.29
CA ILE C 117 -11.61 10.18 6.05
C ILE C 117 -11.37 10.82 4.69
N THR C 118 -10.50 10.24 3.86
CA THR C 118 -10.25 10.78 2.53
C THR C 118 -11.44 10.61 1.58
N ARG C 119 -12.45 9.85 1.99
N ARG C 119 -12.46 9.84 1.95
CA ARG C 119 -13.63 9.59 1.16
CA ARG C 119 -13.63 9.66 1.11
C ARG C 119 -14.86 10.36 1.64
C ARG C 119 -14.85 10.43 1.59
N LEU C 120 -14.73 11.20 2.67
CA LEU C 120 -15.86 11.93 3.23
C LEU C 120 -15.90 13.36 2.69
N ASN C 121 -17.12 13.89 2.57
CA ASN C 121 -17.30 15.25 2.04
C ASN C 121 -17.05 16.31 3.10
N GLU C 122 -17.33 16.00 4.36
CA GLU C 122 -17.13 16.94 5.46
C GLU C 122 -17.16 16.18 6.76
N LEU C 123 -16.43 16.69 7.75
CA LEU C 123 -16.38 16.11 9.08
C LEU C 123 -17.18 16.97 10.05
N THR C 124 -18.05 16.33 10.83
CA THR C 124 -18.83 16.98 11.87
C THR C 124 -18.38 16.50 13.25
N GLU C 125 -19.09 16.98 14.28
CA GLU C 125 -18.79 16.55 15.64
C GLU C 125 -19.16 15.09 15.87
N LYS C 126 -20.27 14.63 15.27
CA LYS C 126 -20.65 13.22 15.40
C LYS C 126 -19.58 12.31 14.82
N ASP C 127 -18.93 12.72 13.73
CA ASP C 127 -17.87 11.90 13.14
C ASP C 127 -16.67 11.80 14.08
N ILE C 128 -16.36 12.88 14.80
CA ILE C 128 -15.24 12.84 15.74
C ILE C 128 -15.50 11.79 16.83
N TYR C 129 -16.72 11.80 17.39
CA TYR C 129 -17.06 10.81 18.42
C TYR C 129 -16.95 9.39 17.85
N ARG C 130 -17.40 9.19 16.62
CA ARG C 130 -17.29 7.87 16.01
C ARG C 130 -15.85 7.49 15.76
N LEU C 131 -15.05 8.41 15.21
CA LEU C 131 -13.64 8.12 14.95
C LEU C 131 -12.87 7.87 16.23
N ASN C 132 -13.21 8.60 17.31
CA ASN C 132 -12.59 8.34 18.61
C ASN C 132 -12.91 6.94 19.10
N LYS C 133 -14.13 6.47 18.86
N LYS C 133 -14.13 6.47 18.84
CA LYS C 133 -14.46 5.10 19.25
CA LYS C 133 -14.50 5.11 19.22
C LYS C 133 -13.65 4.09 18.45
C LYS C 133 -13.69 4.08 18.43
N TYR C 134 -13.43 4.35 17.15
CA TYR C 134 -12.61 3.45 16.33
C TYR C 134 -11.16 3.46 16.80
N ILE C 135 -10.65 4.61 17.22
CA ILE C 135 -9.27 4.70 17.69
C ILE C 135 -9.08 3.87 18.95
N LYS C 136 -10.01 3.99 19.90
CA LYS C 136 -9.93 3.19 21.12
C LYS C 136 -9.97 1.71 20.81
N ALA C 137 -10.89 1.29 19.93
CA ALA C 137 -10.99 -0.13 19.57
C ALA C 137 -9.74 -0.59 18.83
N TYR C 138 -9.26 0.24 17.88
CA TYR C 138 -8.02 -0.07 17.17
C TYR C 138 -6.87 -0.32 18.13
N LYS C 139 -6.72 0.55 19.14
N LYS C 139 -6.72 0.55 19.14
CA LYS C 139 -5.66 0.40 20.13
CA LYS C 139 -5.66 0.37 20.13
C LYS C 139 -5.86 -0.87 20.97
C LYS C 139 -5.87 -0.89 20.93
N TYR C 140 -7.11 -1.19 21.31
CA TYR C 140 -7.39 -2.37 22.11
C TYR C 140 -7.02 -3.65 21.36
N LEU C 141 -7.29 -3.69 20.06
CA LEU C 141 -7.00 -4.89 19.28
C LEU C 141 -5.52 -5.06 18.97
N LYS C 142 -4.69 -4.05 19.21
CA LYS C 142 -3.26 -4.13 18.93
C LYS C 142 -2.41 -4.43 20.16
N GLU C 143 -3.03 -4.64 21.33
CA GLU C 143 -2.30 -4.88 22.57
C GLU C 143 -2.04 -6.37 22.76
N HIS C 144 -1.36 -6.71 23.86
CA HIS C 144 -1.09 -8.11 24.20
C HIS C 144 -1.62 -8.45 25.58
N ASN D 3 10.30 6.99 24.18
N ASN D 3 20.20 14.59 19.48
CA ASN D 3 11.47 6.11 24.09
CA ASN D 3 19.08 15.29 18.89
C ASN D 3 11.50 5.37 22.75
C ASN D 3 18.10 14.29 18.28
N THR D 4 10.36 4.79 22.37
N THR D 4 17.77 13.26 19.05
CA THR D 4 10.28 4.05 21.12
CA THR D 4 16.82 12.23 18.66
C THR D 4 10.29 4.98 19.92
C THR D 4 15.71 12.14 19.70
N SER D 5 9.60 6.12 20.00
N SER D 5 14.47 11.98 19.22
CA SER D 5 9.61 7.08 18.90
CA SER D 5 13.31 11.88 20.09
C SER D 5 10.99 7.64 18.67
C SER D 5 12.83 10.45 20.30
N THR D 6 11.75 7.87 19.75
N THR D 6 13.13 9.54 19.36
CA THR D 6 13.12 8.37 19.67
CA THR D 6 12.73 8.14 19.48
C THR D 6 14.10 7.28 19.26
C THR D 6 13.86 7.22 19.06
N LEU D 7 13.88 6.04 19.70
CA LEU D 7 14.75 4.96 19.27
C LEU D 7 14.52 4.60 17.81
N LEU D 8 13.27 4.72 17.33
CA LEU D 8 13.01 4.54 15.90
C LEU D 8 13.78 5.57 15.09
N GLU D 9 13.71 6.85 15.49
CA GLU D 9 14.47 7.89 14.80
C GLU D 9 15.97 7.62 14.88
N LYS D 10 16.46 7.20 16.04
CA LYS D 10 17.87 6.88 16.18
C LYS D 10 18.27 5.73 15.26
N ALA D 11 17.43 4.70 15.16
CA ALA D 11 17.70 3.59 14.26
C ALA D 11 17.80 4.08 12.82
N LEU D 12 16.89 4.98 12.42
CA LEU D 12 16.98 5.58 11.09
C LEU D 12 18.33 6.28 10.91
N GLN D 13 18.72 7.12 11.86
CA GLN D 13 19.94 7.90 11.70
C GLN D 13 21.18 7.01 11.72
N ILE D 14 21.15 5.92 12.50
CA ILE D 14 22.25 4.96 12.47
C ILE D 14 22.34 4.29 11.10
N ALA D 15 21.19 3.92 10.53
CA ALA D 15 21.19 3.24 9.24
C ALA D 15 21.63 4.18 8.12
N VAL D 16 21.08 5.40 8.11
CA VAL D 16 21.46 6.38 7.09
C VAL D 16 22.96 6.60 7.08
N LYS D 17 23.56 6.81 8.26
CA LYS D 17 25.00 7.02 8.33
C LYS D 17 25.79 5.79 7.89
N ALA D 18 25.31 4.59 8.26
CA ALA D 18 26.09 3.38 8.01
C ALA D 18 26.04 2.98 6.53
N HIS D 19 24.88 3.07 5.90
CA HIS D 19 24.74 2.71 4.49
C HIS D 19 25.05 3.84 3.54
N SER D 20 25.57 4.96 4.05
CA SER D 20 25.71 6.17 3.25
C SER D 20 26.54 5.92 2.00
N GLY D 21 25.94 6.22 0.84
CA GLY D 21 26.62 6.07 -0.43
C GLY D 21 26.68 4.66 -0.98
N GLN D 22 26.22 3.67 -0.24
CA GLN D 22 26.15 2.31 -0.76
C GLN D 22 24.99 2.19 -1.73
N ILE D 23 25.14 1.29 -2.72
CA ILE D 23 24.14 1.10 -3.76
C ILE D 23 23.81 -0.39 -3.86
N ASP D 24 22.70 -0.68 -4.52
CA ASP D 24 22.31 -2.05 -4.85
C ASP D 24 22.69 -2.34 -6.31
N LYS D 25 22.24 -3.50 -6.81
CA LYS D 25 22.58 -3.91 -8.17
C LYS D 25 21.96 -3.00 -9.22
N ALA D 26 20.83 -2.37 -8.91
CA ALA D 26 20.19 -1.48 -9.87
C ALA D 26 20.79 -0.07 -9.87
N GLY D 27 21.74 0.21 -8.98
CA GLY D 27 22.34 1.53 -8.88
C GLY D 27 21.66 2.47 -7.91
N SER D 28 20.47 2.13 -7.43
CA SER D 28 19.76 2.97 -6.47
C SER D 28 20.46 2.92 -5.11
N ALA D 29 20.21 3.96 -4.31
CA ALA D 29 20.80 4.04 -2.99
C ALA D 29 20.29 2.90 -2.11
N TYR D 30 21.24 2.17 -1.50
CA TYR D 30 20.88 1.01 -0.70
C TYR D 30 20.12 1.36 0.56
N ILE D 31 20.33 2.57 1.11
CA ILE D 31 19.63 2.99 2.33
C ILE D 31 18.12 2.80 2.19
N PHE D 32 17.59 2.94 0.98
CA PHE D 32 16.14 2.83 0.82
C PHE D 32 15.65 1.39 0.88
N HIS D 33 16.55 0.39 0.82
CA HIS D 33 16.09 -0.98 1.02
C HIS D 33 15.63 -1.21 2.46
N PRO D 34 16.41 -0.87 3.50
CA PRO D 34 15.85 -0.98 4.86
C PRO D 34 14.65 -0.09 5.09
N ILE D 35 14.58 1.05 4.41
CA ILE D 35 13.43 1.93 4.58
C ILE D 35 12.18 1.28 4.01
N ARG D 36 12.28 0.72 2.81
CA ARG D 36 11.12 0.07 2.20
C ARG D 36 10.73 -1.19 2.97
N VAL D 37 11.68 -1.88 3.58
CA VAL D 37 11.35 -3.03 4.42
C VAL D 37 10.66 -2.57 5.69
N SER D 38 11.13 -1.44 6.26
CA SER D 38 10.51 -0.87 7.45
C SER D 38 9.10 -0.36 7.17
N ASN D 39 8.83 0.06 5.94
CA ASN D 39 7.49 0.55 5.59
C ASN D 39 6.46 -0.59 5.59
N ARG D 40 6.90 -1.82 5.29
CA ARG D 40 5.99 -2.96 5.27
C ARG D 40 5.67 -3.47 6.68
N CYS D 41 6.40 -3.00 7.69
CA CYS D 41 6.25 -3.53 9.03
C CYS D 41 5.03 -2.92 9.72
N SER D 42 4.59 -3.56 10.80
CA SER D 42 3.40 -3.13 11.51
C SER D 42 3.63 -2.67 12.93
N THR D 43 4.78 -3.00 13.54
CA THR D 43 5.08 -2.54 14.89
C THR D 43 6.38 -1.75 14.89
N ASP D 44 6.53 -0.90 15.92
CA ASP D 44 7.73 -0.09 16.04
C ASP D 44 8.96 -0.97 16.24
N ASP D 45 8.82 -2.07 16.99
CA ASP D 45 9.92 -3.00 17.14
C ASP D 45 10.32 -3.59 15.80
N GLU D 46 9.35 -4.00 14.99
CA GLU D 46 9.67 -4.50 13.65
C GLU D 46 10.36 -3.41 12.82
N ARG D 47 9.82 -2.20 12.84
N ARG D 47 9.82 -2.20 12.83
CA ARG D 47 10.40 -1.11 12.04
CA ARG D 47 10.40 -1.11 12.04
C ARG D 47 11.84 -0.81 12.44
C ARG D 47 11.84 -0.83 12.45
N ILE D 48 12.14 -0.87 13.74
CA ILE D 48 13.50 -0.63 14.20
C ILE D 48 14.44 -1.71 13.70
N VAL D 49 14.02 -2.98 13.82
CA VAL D 49 14.86 -4.08 13.36
C VAL D 49 15.02 -4.02 11.84
N ALA D 50 13.95 -3.62 11.14
CA ALA D 50 14.02 -3.54 9.68
C ALA D 50 14.97 -2.45 9.21
N LEU D 51 14.97 -1.30 9.89
CA LEU D 51 15.90 -0.24 9.53
C LEU D 51 17.35 -0.65 9.76
N LEU D 52 17.62 -1.54 10.71
CA LEU D 52 18.99 -1.89 11.08
C LEU D 52 19.38 -3.30 10.63
N HIS D 53 18.54 -4.00 9.87
CA HIS D 53 18.75 -5.43 9.68
C HIS D 53 19.98 -5.76 8.84
N ASP D 54 20.54 -4.80 8.08
CA ASP D 54 21.74 -5.03 7.30
C ASP D 54 22.90 -4.14 7.75
N THR D 55 22.89 -3.66 9.01
CA THR D 55 23.98 -2.79 9.45
C THR D 55 25.19 -3.58 9.94
N ILE D 56 24.98 -4.69 10.65
CA ILE D 56 26.12 -5.47 11.14
C ILE D 56 26.89 -6.07 9.97
N GLU D 57 26.17 -6.65 9.00
CA GLU D 57 26.80 -7.42 7.95
C GLU D 57 27.45 -6.53 6.90
N ASP D 58 26.82 -5.40 6.57
CA ASP D 58 27.27 -4.55 5.46
C ASP D 58 28.04 -3.31 5.90
N THR D 59 27.91 -2.88 7.16
CA THR D 59 28.58 -1.67 7.61
C THR D 59 29.37 -1.92 8.89
N GLU D 60 29.79 -0.84 9.53
CA GLU D 60 30.64 -0.87 10.72
C GLU D 60 29.85 -0.85 12.01
N VAL D 61 28.52 -0.86 11.95
CA VAL D 61 27.70 -0.95 13.15
C VAL D 61 27.89 -2.32 13.78
N THR D 62 28.03 -2.35 15.10
CA THR D 62 28.22 -3.59 15.85
C THR D 62 27.05 -3.81 16.79
N ALA D 63 26.97 -5.04 17.31
CA ALA D 63 25.92 -5.36 18.27
C ALA D 63 26.12 -4.64 19.59
N GLU D 64 27.37 -4.60 20.07
CA GLU D 64 27.66 -3.86 21.30
C GLU D 64 27.36 -2.38 21.14
N TYR D 65 27.58 -1.83 19.94
CA TYR D 65 27.28 -0.43 19.70
C TYR D 65 25.79 -0.14 19.88
N LEU D 66 24.93 -1.00 19.33
CA LEU D 66 23.49 -0.82 19.46
C LEU D 66 23.04 -0.94 20.91
N LEU D 67 23.62 -1.88 21.66
CA LEU D 67 23.30 -1.99 23.08
C LEU D 67 23.73 -0.75 23.85
N MSE D 68 24.81 -0.11 23.43
CA MSE D 68 25.32 1.08 24.09
C MSE D 68 24.42 2.28 23.85
O MSE D 68 24.35 3.20 24.67
CB MSE D 68 26.74 1.38 23.61
CG MSE D 68 27.58 2.21 24.58
SE MSE D 68 28.20 1.18 26.12
CE MSE D 68 29.23 -0.19 25.18
N GLU D 69 23.72 2.27 22.71
CA GLU D 69 22.85 3.38 22.35
C GLU D 69 21.46 3.27 22.96
N GLY D 70 21.14 2.18 23.65
CA GLY D 70 19.87 2.02 24.32
C GLY D 70 18.91 1.06 23.67
N PHE D 71 19.29 0.40 22.59
CA PHE D 71 18.40 -0.57 21.98
C PHE D 71 18.31 -1.81 22.86
N PRO D 72 17.11 -2.26 23.20
CA PRO D 72 16.98 -3.38 24.14
C PRO D 72 17.55 -4.67 23.57
N ARG D 73 17.63 -5.68 24.44
CA ARG D 73 18.25 -6.95 24.05
C ARG D 73 17.41 -7.65 22.98
N ASN D 74 16.08 -7.61 23.10
CA ASN D 74 15.24 -8.27 22.11
C ASN D 74 15.40 -7.66 20.72
N ILE D 75 15.64 -6.35 20.64
CA ILE D 75 15.84 -5.73 19.34
C ILE D 75 17.17 -6.16 18.73
N VAL D 76 18.24 -6.16 19.53
CA VAL D 76 19.55 -6.57 19.03
C VAL D 76 19.55 -8.03 18.63
N ASP D 77 18.85 -8.88 19.42
CA ASP D 77 18.76 -10.29 19.09
C ASP D 77 17.98 -10.51 17.79
N ALA D 78 16.91 -9.72 17.59
CA ALA D 78 16.15 -9.85 16.35
C ALA D 78 16.99 -9.46 15.15
N ILE D 79 17.82 -8.43 15.29
CA ILE D 79 18.74 -8.06 14.22
C ILE D 79 19.73 -9.19 13.94
N LEU D 80 20.25 -9.83 14.99
CA LEU D 80 21.17 -10.94 14.79
C LEU D 80 20.47 -12.15 14.18
N SER D 81 19.16 -12.29 14.36
CA SER D 81 18.45 -13.43 13.79
C SER D 81 18.32 -13.29 12.28
N VAL D 82 18.45 -12.07 11.74
CA VAL D 82 18.43 -11.85 10.31
C VAL D 82 19.80 -11.44 9.78
N THR D 83 20.86 -11.65 10.55
CA THR D 83 22.23 -11.37 10.15
C THR D 83 22.92 -12.71 9.92
N ARG D 84 23.23 -13.03 8.66
CA ARG D 84 23.79 -14.33 8.34
C ARG D 84 25.20 -14.47 8.92
N ASN D 85 25.48 -15.64 9.46
CA ASN D 85 26.80 -15.93 10.01
C ASN D 85 27.76 -16.35 8.90
N GLU D 86 29.05 -16.40 9.24
CA GLU D 86 30.07 -16.78 8.27
C GLU D 86 29.90 -18.23 7.82
N ASP D 87 30.02 -19.18 8.75
CA ASP D 87 30.01 -20.60 8.43
C ASP D 87 28.62 -21.18 8.30
N GLU D 88 27.62 -20.36 7.98
CA GLU D 88 26.24 -20.77 7.91
C GLU D 88 25.76 -20.73 6.47
N SER D 89 25.08 -21.78 6.03
CA SER D 89 24.48 -21.80 4.71
C SER D 89 23.19 -21.00 4.69
N TYR D 90 22.74 -20.64 3.49
CA TYR D 90 21.49 -19.91 3.35
C TYR D 90 20.31 -20.68 3.93
N ASP D 91 20.28 -22.01 3.74
CA ASP D 91 19.17 -22.80 4.25
C ASP D 91 19.10 -22.73 5.78
N ASP D 92 20.23 -22.95 6.46
CA ASP D 92 20.24 -22.85 7.92
C ASP D 92 19.98 -21.42 8.38
N PHE D 93 20.39 -20.43 7.58
CA PHE D 93 20.15 -19.03 7.96
C PHE D 93 18.66 -18.72 8.02
N ILE D 94 17.90 -19.12 6.99
CA ILE D 94 16.46 -18.90 7.00
C ILE D 94 15.81 -19.63 8.17
N LYS D 95 16.25 -20.87 8.43
CA LYS D 95 15.69 -21.63 9.55
C LYS D 95 15.95 -20.94 10.88
N ARG D 96 17.11 -20.32 11.04
CA ARG D 96 17.42 -19.62 12.28
C ARG D 96 16.63 -18.32 12.41
N SER D 97 16.34 -17.64 11.29
CA SER D 97 15.59 -16.39 11.38
C SER D 97 14.12 -16.63 11.73
N ARG D 98 13.58 -17.80 11.38
CA ARG D 98 12.19 -18.08 11.71
C ARG D 98 11.99 -18.29 13.20
N LEU D 99 13.04 -18.64 13.94
CA LEU D 99 12.90 -18.90 15.37
C LEU D 99 12.67 -17.62 16.17
N ASN D 100 13.01 -16.46 15.61
CA ASN D 100 12.83 -15.21 16.33
C ASN D 100 11.55 -14.53 15.88
N PRO D 101 10.63 -14.23 16.80
CA PRO D 101 9.33 -13.65 16.39
C PRO D 101 9.47 -12.37 15.59
N ILE D 102 10.33 -11.45 16.01
CA ILE D 102 10.49 -10.19 15.26
C ILE D 102 11.33 -10.41 14.01
N GLY D 103 12.42 -11.18 14.13
CA GLY D 103 13.24 -11.48 12.97
C GLY D 103 12.48 -12.19 11.87
N ARG D 104 11.60 -13.13 12.24
CA ARG D 104 10.79 -13.82 11.24
C ARG D 104 9.97 -12.83 10.41
N GLN D 105 9.30 -11.89 11.07
CA GLN D 105 8.46 -10.95 10.35
C GLN D 105 9.28 -10.03 9.46
N VAL D 106 10.36 -9.45 10.01
CA VAL D 106 11.20 -8.54 9.23
C VAL D 106 11.83 -9.28 8.04
N LYS D 107 12.28 -10.52 8.27
CA LYS D 107 12.84 -11.29 7.16
C LYS D 107 11.81 -11.47 6.05
N LEU D 108 10.55 -11.71 6.42
CA LEU D 108 9.48 -11.82 5.43
C LEU D 108 9.39 -10.56 4.59
N HIS D 109 9.46 -9.38 5.21
CA HIS D 109 9.39 -8.15 4.46
C HIS D 109 10.67 -7.89 3.69
N ASP D 110 11.80 -8.38 4.20
CA ASP D 110 13.05 -8.32 3.46
C ASP D 110 12.98 -9.12 2.17
N LEU D 111 12.46 -10.36 2.24
CA LEU D 111 12.30 -11.14 1.02
C LEU D 111 11.34 -10.47 0.04
N GLU D 112 10.28 -9.85 0.55
CA GLU D 112 9.34 -9.14 -0.33
C GLU D 112 10.03 -8.00 -1.07
N ASP D 113 10.87 -7.23 -0.38
CA ASP D 113 11.58 -6.15 -1.06
C ASP D 113 12.60 -6.70 -2.06
N ASN D 114 13.27 -7.81 -1.74
CA ASN D 114 14.22 -8.39 -2.68
C ASN D 114 13.54 -9.05 -3.88
N MSE D 115 12.24 -9.33 -3.78
CA MSE D 115 11.50 -9.94 -4.89
C MSE D 115 10.82 -8.87 -5.75
O MSE D 115 10.11 -9.20 -6.71
CB MSE D 115 10.47 -10.94 -4.37
CG MSE D 115 11.08 -12.21 -3.82
SE MSE D 115 9.76 -13.56 -3.25
CE MSE D 115 9.23 -12.76 -1.55
N ASP D 116 11.03 -7.60 -5.41
CA ASP D 116 10.44 -6.49 -6.14
C ASP D 116 11.30 -6.18 -7.35
N ILE D 117 10.81 -6.56 -8.54
CA ILE D 117 11.55 -6.34 -9.78
C ILE D 117 11.14 -5.06 -10.48
N THR D 118 10.30 -4.23 -9.84
CA THR D 118 9.85 -2.98 -10.47
C THR D 118 10.96 -1.94 -10.58
N ARG D 119 12.11 -2.14 -9.92
N ARG D 119 12.11 -2.16 -9.94
CA ARG D 119 13.21 -1.19 -9.99
CA ARG D 119 13.20 -1.21 -9.95
C ARG D 119 14.40 -1.68 -10.80
C ARG D 119 14.44 -1.71 -10.70
N LEU D 120 14.47 -2.97 -11.08
CA LEU D 120 15.58 -3.49 -11.87
C LEU D 120 15.46 -3.04 -13.32
N ASN D 121 16.62 -2.82 -13.96
CA ASN D 121 16.63 -2.44 -15.35
C ASN D 121 16.41 -3.64 -16.27
N GLU D 122 16.84 -4.82 -15.86
CA GLU D 122 16.63 -6.04 -16.65
C GLU D 122 16.67 -7.24 -15.71
N LEU D 123 16.23 -8.38 -16.23
CA LEU D 123 16.19 -9.63 -15.47
C LEU D 123 16.86 -10.73 -16.29
N THR D 124 17.94 -11.30 -15.75
CA THR D 124 18.71 -12.32 -16.45
C THR D 124 18.38 -13.70 -15.90
N GLU D 125 19.12 -14.71 -16.36
CA GLU D 125 18.89 -16.07 -15.91
C GLU D 125 19.52 -16.34 -14.55
N LYS D 126 20.62 -15.64 -14.23
CA LYS D 126 21.21 -15.80 -12.90
C LYS D 126 20.24 -15.35 -11.81
N ASP D 127 19.30 -14.47 -12.14
CA ASP D 127 18.31 -14.04 -11.17
C ASP D 127 17.29 -15.13 -10.87
N ILE D 128 17.08 -16.07 -11.81
CA ILE D 128 16.17 -17.18 -11.58
C ILE D 128 16.55 -17.92 -10.31
N TYR D 129 17.85 -18.22 -10.14
CA TYR D 129 18.32 -18.91 -8.95
C TYR D 129 18.07 -18.09 -7.70
N ARG D 130 18.36 -16.79 -7.76
CA ARG D 130 18.18 -15.94 -6.59
C ARG D 130 16.70 -15.80 -6.23
N LEU D 131 15.85 -15.56 -7.24
CA LEU D 131 14.43 -15.30 -6.96
C LEU D 131 13.71 -16.56 -6.51
N ASN D 132 14.02 -17.71 -7.11
CA ASN D 132 13.42 -18.95 -6.64
C ASN D 132 13.86 -19.28 -5.22
N LYS D 133 15.14 -19.06 -4.92
CA LYS D 133 15.60 -19.17 -3.54
C LYS D 133 14.78 -18.28 -2.61
N TYR D 134 14.54 -17.03 -3.02
CA TYR D 134 13.74 -16.12 -2.20
C TYR D 134 12.31 -16.62 -2.05
N ILE D 135 11.72 -17.15 -3.13
CA ILE D 135 10.36 -17.70 -3.05
C ILE D 135 10.32 -18.87 -2.09
N LYS D 136 11.24 -19.82 -2.22
CA LYS D 136 11.29 -20.96 -1.31
C LYS D 136 11.43 -20.50 0.14
N ALA D 137 12.32 -19.52 0.39
CA ALA D 137 12.48 -18.99 1.74
C ALA D 137 11.23 -18.24 2.20
N TYR D 138 10.57 -17.54 1.30
CA TYR D 138 9.33 -16.84 1.62
C TYR D 138 8.25 -17.82 2.08
N LYS D 139 8.12 -18.96 1.38
CA LYS D 139 7.12 -19.95 1.75
C LYS D 139 7.43 -20.61 3.09
N TYR D 140 8.71 -20.92 3.34
CA TYR D 140 9.07 -21.55 4.60
C TYR D 140 8.75 -20.65 5.78
N LEU D 141 8.97 -19.34 5.64
CA LEU D 141 8.69 -18.42 6.73
C LEU D 141 7.20 -18.21 6.95
N LYS D 142 6.38 -18.39 5.91
CA LYS D 142 4.93 -18.22 6.05
C LYS D 142 4.22 -19.45 6.58
N GLU D 143 4.89 -20.61 6.61
CA GLU D 143 4.26 -21.83 7.08
C GLU D 143 3.95 -21.72 8.57
N HIS D 144 2.75 -22.16 8.95
CA HIS D 144 2.32 -22.09 10.35
C HIS D 144 2.13 -23.47 10.95
C1 EDO E . -5.85 -13.77 -4.15
O1 EDO E . -4.83 -14.34 -4.98
C2 EDO E . -5.42 -12.40 -3.63
O2 EDO E . -5.52 -11.42 -4.67
C1 EDO F . 8.47 0.18 -25.61
O1 EDO F . 8.11 0.82 -26.85
C2 EDO F . 7.35 -0.74 -25.19
O2 EDO F . 7.88 -1.98 -24.71
MG MG G . -4.10 -7.46 -16.92
CL CL H . -0.14 -8.73 -24.56
C1 EDO I . 6.63 5.69 12.12
O1 EDO I . 5.99 6.16 10.92
C2 EDO I . 6.53 6.74 13.22
O2 EDO I . 5.16 7.06 13.48
C1 EDO J . 24.18 16.94 2.27
O1 EDO J . 24.00 17.24 0.87
C2 EDO J . 23.94 15.45 2.49
O2 EDO J . 24.80 14.72 1.59
C1 EDO K . -9.35 26.17 -3.06
O1 EDO K . -8.18 26.95 -2.81
C2 EDO K . -9.17 24.80 -2.43
O2 EDO K . -8.78 24.96 -1.06
MG MG L . 3.87 17.82 5.12
CL CL M . 11.39 10.61 -12.13
CL CL N . 0.66 25.11 5.59
C1 EDO O . -14.18 3.56 -4.51
O1 EDO O . -15.47 3.31 -3.93
C2 EDO O . -13.36 2.27 -4.51
O2 EDO O . -13.14 1.83 -3.16
C1 EDO P . -12.34 -0.74 23.16
O1 EDO P . -13.69 -0.41 22.79
C2 EDO P . -12.36 -1.68 24.36
O2 EDO P . -13.12 -2.84 24.02
MG MG Q . -17.05 -3.36 7.98
CL CL R . -8.77 -9.16 -2.15
C1 EDO S . 14.93 -22.38 3.13
O1 EDO S . 14.04 -22.02 2.06
C2 EDO S . 14.15 -23.17 4.18
O2 EDO S . 15.09 -23.76 5.09
MG MG T . 17.89 -6.99 3.41
#